data_7ZZB
#
_entry.id   7ZZB
#
_cell.length_a   62.942
_cell.length_b   74.065
_cell.length_c   118.528
_cell.angle_alpha   90.000
_cell.angle_beta   90.000
_cell.angle_gamma   90.000
#
_symmetry.space_group_name_H-M   'I 2 2 2'
#
loop_
_entity.id
_entity.type
_entity.pdbx_description
1 polymer 'NAD kinase 1'
2 non-polymer 'CITRIC ACID'
3 non-polymer '2-[[(2~{R},3~{S},4~{R},5~{R})-5-(6-aminopurin-9-yl)-3,4-bis(oxidanyl)oxolan-2-yl]methyl-[3-[6-azanyl-9-[(2~{R},3~{R},4~{S},5~{R})-5-[(2-azanylethylcarbamoylamino)methyl]-3,4-bis(oxidanyl)oxolan-2-yl]purin-8-yl]prop-2-ynyl]amino]ethanoic acid'
4 water water
#
_entity_poly.entity_id   1
_entity_poly.type   'polypeptide(L)'
_entity_poly.pdbx_seq_one_letter_code
;MKYMITSKGDEKSDLLRLNMIAGFGEYDMEYDDVEPEIVISIGGDGTFLSAFHQYEERLDEIAFIGIHTGHLGFYADWRP
AEADKLVKLLAKGEYQKVSYPLLKTTVKYGIGKKEATYLALNESTVKSSGGPFVVDVVINDIHFERFRGDGLCMSTPSGT
TAYNKSLGGALMHPSIEAMQLTEMASINNRVYRTIGSPLVFPKHHVVSLQPVNDKDFQISVDHLSILHRDVQEIRYEVSA
KKIHFARFRSFPFWRRVHDSFIEDLEHHHHHH
;
_entity_poly.pdbx_strand_id   A
#
loop_
_chem_comp.id
_chem_comp.type
_chem_comp.name
_chem_comp.formula
CIT non-polymer 'CITRIC ACID' 'C6 H8 O7'
KGX non-polymer '2-[[(2~{R},3~{S},4~{R},5~{R})-5-(6-aminopurin-9-yl)-3,4-bis(oxidanyl)oxolan-2-yl]methyl-[3-[6-azanyl-9-[(2~{R},3~{R},4~{S},5~{R})-5-[(2-azanylethylcarbamoylamino)methyl]-3,4-bis(oxidanyl)oxolan-2-yl]purin-8-yl]prop-2-ynyl]amino]ethanoic acid' 'C28 H36 N14 O9'
#
# COMPACT_ATOMS: atom_id res chain seq x y z
N MET A 1 7.42 -13.18 22.11
CA MET A 1 8.14 -12.04 21.54
C MET A 1 7.40 -10.73 21.85
N LYS A 2 8.06 -9.60 21.58
CA LYS A 2 7.40 -8.30 21.70
C LYS A 2 6.31 -8.18 20.65
N TYR A 3 5.13 -7.75 21.06
CA TYR A 3 4.02 -7.56 20.12
C TYR A 3 3.24 -6.30 20.49
N MET A 4 2.42 -5.82 19.54
CA MET A 4 1.37 -4.87 19.89
C MET A 4 0.14 -5.13 19.06
N ILE A 5 -0.99 -4.57 19.48
CA ILE A 5 -2.26 -4.72 18.77
C ILE A 5 -2.87 -3.35 18.56
N THR A 6 -3.16 -3.02 17.28
CA THR A 6 -3.94 -1.85 16.95
C THR A 6 -5.38 -2.26 16.73
N SER A 7 -6.29 -1.36 17.06
CA SER A 7 -7.71 -1.62 16.94
C SER A 7 -8.38 -0.52 16.14
N LYS A 8 -9.36 -0.90 15.34
CA LYS A 8 -10.22 0.08 14.68
C LYS A 8 -10.89 1.01 15.70
N GLY A 9 -11.13 0.54 16.91
CA GLY A 9 -11.69 1.39 17.93
C GLY A 9 -13.19 1.33 18.11
N ASP A 10 -13.88 0.42 17.45
CA ASP A 10 -15.27 0.16 17.80
C ASP A 10 -15.29 -0.88 18.93
N GLU A 11 -16.47 -1.09 19.51
CA GLU A 11 -16.55 -1.96 20.68
C GLU A 11 -16.03 -3.36 20.37
N LYS A 12 -16.42 -3.91 19.22
CA LYS A 12 -16.03 -5.28 18.88
C LYS A 12 -14.50 -5.42 18.77
N SER A 13 -13.85 -4.47 18.11
CA SER A 13 -12.40 -4.58 17.95
C SER A 13 -11.68 -4.31 19.26
N ASP A 14 -12.17 -3.35 20.05
CA ASP A 14 -11.51 -3.05 21.31
C ASP A 14 -11.58 -4.23 22.26
N LEU A 15 -12.74 -4.89 22.33
CA LEU A 15 -12.90 -6.03 23.23
C LEU A 15 -12.07 -7.21 22.76
N LEU A 16 -11.99 -7.44 21.43
CA LEU A 16 -11.17 -8.53 20.95
C LEU A 16 -9.71 -8.26 21.29
N ARG A 17 -9.27 -7.01 21.14
CA ARG A 17 -7.92 -6.64 21.51
C ARG A 17 -7.66 -6.93 22.99
N LEU A 18 -8.58 -6.55 23.87
CA LEU A 18 -8.32 -6.79 25.29
C LEU A 18 -8.28 -8.28 25.59
N ASN A 19 -9.13 -9.06 24.93
CA ASN A 19 -9.10 -10.50 25.17
C ASN A 19 -7.83 -11.14 24.62
N MET A 20 -7.30 -10.61 23.50
CA MET A 20 -6.06 -11.15 22.99
C MET A 20 -4.89 -10.80 23.89
N ILE A 21 -4.89 -9.58 24.44
CA ILE A 21 -3.83 -9.20 25.37
C ILE A 21 -3.86 -10.12 26.59
N ALA A 22 -5.06 -10.47 27.02
CA ALA A 22 -5.18 -11.37 28.16
C ALA A 22 -4.61 -12.74 27.82
N GLY A 23 -4.92 -13.24 26.62
CA GLY A 23 -4.40 -14.55 26.23
C GLY A 23 -2.89 -14.55 26.07
N PHE A 24 -2.35 -13.48 25.50
CA PHE A 24 -0.89 -13.38 25.39
C PHE A 24 -0.22 -13.34 26.73
N GLY A 25 -0.90 -12.81 27.75
CA GLY A 25 -0.35 -12.78 29.09
C GLY A 25 -0.11 -14.15 29.67
N GLU A 26 -0.67 -15.19 29.06
CA GLU A 26 -0.40 -16.55 29.49
C GLU A 26 0.83 -17.17 28.82
N TYR A 27 1.54 -16.41 27.97
CA TYR A 27 2.76 -16.88 27.33
C TYR A 27 3.90 -15.89 27.59
N ASP A 28 5.08 -16.18 27.04
CA ASP A 28 6.22 -15.25 27.09
C ASP A 28 6.07 -14.24 25.94
N MET A 29 5.05 -13.40 26.09
CA MET A 29 4.75 -12.36 25.12
C MET A 29 4.70 -11.05 25.88
N GLU A 30 5.50 -10.06 25.44
CA GLU A 30 5.55 -8.74 26.06
C GLU A 30 4.85 -7.75 25.14
N TYR A 31 3.83 -7.07 25.65
CA TYR A 31 3.25 -5.96 24.90
C TYR A 31 4.27 -4.83 24.80
N ASP A 32 4.62 -4.42 23.59
CA ASP A 32 5.57 -3.33 23.39
C ASP A 32 5.21 -2.67 22.09
N ASP A 33 4.69 -1.44 22.15
CA ASP A 33 4.32 -0.75 20.92
C ASP A 33 5.40 0.23 20.45
N VAL A 34 6.55 0.26 21.12
CA VAL A 34 7.69 0.99 20.57
C VAL A 34 8.51 0.11 19.65
N GLU A 35 8.92 -1.08 20.09
CA GLU A 35 9.67 -2.01 19.23
C GLU A 35 9.01 -3.38 19.20
N PRO A 36 7.77 -3.46 18.70
CA PRO A 36 7.16 -4.78 18.49
C PRO A 36 7.91 -5.58 17.42
N GLU A 37 7.86 -6.90 17.54
CA GLU A 37 8.27 -7.79 16.47
C GLU A 37 7.08 -8.34 15.71
N ILE A 38 5.90 -8.32 16.32
CA ILE A 38 4.63 -8.72 15.72
C ILE A 38 3.65 -7.57 15.91
N VAL A 39 3.00 -7.16 14.84
CA VAL A 39 1.97 -6.12 14.89
C VAL A 39 0.68 -6.75 14.40
N ILE A 40 -0.33 -6.76 15.27
CA ILE A 40 -1.63 -7.29 14.97
C ILE A 40 -2.58 -6.13 14.80
N SER A 41 -3.30 -6.14 13.69
CA SER A 41 -4.28 -5.14 13.35
C SER A 41 -5.67 -5.76 13.43
N ILE A 42 -6.57 -5.15 14.22
CA ILE A 42 -7.93 -5.65 14.37
C ILE A 42 -8.87 -4.59 13.82
N GLY A 43 -9.50 -4.90 12.68
CA GLY A 43 -10.39 -3.93 12.07
C GLY A 43 -10.57 -4.27 10.61
N GLY A 44 -10.29 -3.32 9.75
CA GLY A 44 -10.42 -3.54 8.33
C GLY A 44 -9.10 -3.27 7.66
N ASP A 45 -9.11 -3.17 6.33
CA ASP A 45 -7.87 -2.88 5.63
C ASP A 45 -7.37 -1.47 5.95
N GLY A 46 -8.28 -0.52 6.23
CA GLY A 46 -7.86 0.79 6.69
C GLY A 46 -7.04 0.72 7.96
N THR A 47 -7.48 -0.11 8.92
CA THR A 47 -6.74 -0.29 10.16
C THR A 47 -5.39 -0.90 9.89
N PHE A 48 -5.35 -1.89 8.99
CA PHE A 48 -4.10 -2.53 8.64
C PHE A 48 -3.13 -1.53 8.00
N LEU A 49 -3.63 -0.74 7.05
CA LEU A 49 -2.78 0.27 6.42
C LEU A 49 -2.24 1.25 7.45
N SER A 50 -3.08 1.64 8.42
CA SER A 50 -2.58 2.55 9.45
C SER A 50 -1.51 1.88 10.29
N ALA A 51 -1.68 0.58 10.60
CA ALA A 51 -0.65 -0.13 11.34
C ALA A 51 0.67 -0.15 10.57
N PHE A 52 0.60 -0.43 9.27
CA PHE A 52 1.79 -0.43 8.42
C PHE A 52 2.50 0.92 8.50
N HIS A 53 1.74 1.99 8.37
CA HIS A 53 2.40 3.29 8.37
C HIS A 53 2.94 3.67 9.74
N GLN A 54 2.29 3.18 10.81
CA GLN A 54 2.81 3.47 12.15
CA GLN A 54 2.80 3.45 12.16
C GLN A 54 4.21 2.90 12.32
N TYR A 55 4.52 1.76 11.67
CA TYR A 55 5.78 1.05 11.86
C TYR A 55 6.64 1.01 10.61
N GLU A 56 6.45 1.97 9.71
CA GLU A 56 7.15 1.87 8.43
C GLU A 56 8.66 2.07 8.54
N GLU A 57 9.16 2.53 9.69
CA GLU A 57 10.60 2.62 9.88
C GLU A 57 11.22 1.34 10.43
N ARG A 58 10.41 0.32 10.78
CA ARG A 58 10.95 -0.91 11.35
C ARG A 58 10.41 -2.13 10.60
N LEU A 59 10.22 -1.99 9.29
CA LEU A 59 9.57 -3.03 8.52
C LEU A 59 10.40 -4.31 8.46
N ASP A 60 11.72 -4.22 8.53
CA ASP A 60 12.52 -5.43 8.49
CA ASP A 60 12.49 -5.45 8.48
C ASP A 60 12.55 -6.17 9.82
N GLU A 61 12.01 -5.57 10.88
CA GLU A 61 11.98 -6.19 12.20
C GLU A 61 10.58 -6.66 12.61
N ILE A 62 9.58 -6.48 11.76
CA ILE A 62 8.19 -6.72 12.14
C ILE A 62 7.52 -7.69 11.19
N ALA A 63 6.68 -8.58 11.73
CA ALA A 63 5.75 -9.33 10.91
C ALA A 63 4.34 -8.91 11.28
N PHE A 64 3.52 -8.64 10.28
CA PHE A 64 2.16 -8.14 10.47
C PHE A 64 1.15 -9.27 10.36
N ILE A 65 0.06 -9.13 11.12
CA ILE A 65 -1.09 -10.03 11.05
C ILE A 65 -2.34 -9.17 11.15
N GLY A 66 -3.32 -9.47 10.31
CA GLY A 66 -4.58 -8.75 10.32
C GLY A 66 -5.76 -9.64 10.67
N ILE A 67 -6.61 -9.13 11.55
CA ILE A 67 -7.90 -9.75 11.87
C ILE A 67 -8.98 -8.82 11.35
N HIS A 68 -9.95 -9.36 10.61
CA HIS A 68 -10.99 -8.47 10.09
C HIS A 68 -12.28 -8.63 10.89
N THR A 69 -12.77 -7.50 11.42
CA THR A 69 -13.98 -7.54 12.21
C THR A 69 -15.21 -7.16 11.41
N GLY A 70 -15.05 -6.81 10.13
CA GLY A 70 -16.14 -6.63 9.22
C GLY A 70 -16.14 -7.68 8.13
N HIS A 71 -16.92 -7.42 7.08
CA HIS A 71 -16.91 -8.21 5.85
C HIS A 71 -15.99 -7.49 4.89
N LEU A 72 -14.71 -7.90 4.86
CA LEU A 72 -13.75 -7.29 3.95
C LEU A 72 -12.35 -7.85 4.13
N GLY A 73 -11.41 -6.97 4.44
CA GLY A 73 -10.12 -7.36 4.96
C GLY A 73 -9.28 -8.14 3.99
N PHE A 74 -8.85 -7.49 2.90
CA PHE A 74 -7.96 -8.17 1.98
C PHE A 74 -6.65 -8.53 2.67
N TYR A 75 -6.13 -7.66 3.55
CA TYR A 75 -4.87 -7.95 4.23
C TYR A 75 -5.05 -8.84 5.45
N ALA A 76 -6.29 -9.15 5.78
CA ALA A 76 -6.65 -9.98 6.94
C ALA A 76 -6.53 -11.48 6.64
N ASP A 77 -5.92 -12.23 7.56
CA ASP A 77 -5.91 -13.69 7.43
C ASP A 77 -6.81 -14.40 8.42
N TRP A 78 -7.42 -13.66 9.35
CA TRP A 78 -8.12 -14.25 10.48
C TRP A 78 -9.46 -13.56 10.68
N ARG A 79 -10.42 -14.34 11.07
CA ARG A 79 -11.71 -13.94 11.57
C ARG A 79 -11.63 -13.83 13.10
N PRO A 80 -12.45 -12.96 13.69
CA PRO A 80 -12.41 -12.81 15.16
C PRO A 80 -12.64 -14.10 15.93
N ALA A 81 -13.43 -15.03 15.38
CA ALA A 81 -13.71 -16.30 16.05
C ALA A 81 -12.45 -17.12 16.27
N GLU A 82 -11.41 -16.89 15.46
CA GLU A 82 -10.16 -17.64 15.50
C GLU A 82 -9.06 -16.96 16.30
N ALA A 83 -9.37 -15.86 17.00
CA ALA A 83 -8.31 -15.13 17.69
C ALA A 83 -7.60 -15.98 18.74
N ASP A 84 -8.32 -16.89 19.41
CA ASP A 84 -7.63 -17.68 20.44
C ASP A 84 -6.68 -18.68 19.80
N LYS A 85 -7.05 -19.23 18.64
CA LYS A 85 -6.15 -20.13 17.93
C LYS A 85 -4.91 -19.38 17.47
N LEU A 86 -5.11 -18.13 17.02
CA LEU A 86 -3.99 -17.28 16.61
C LEU A 86 -3.07 -16.93 17.79
N VAL A 87 -3.64 -16.58 18.95
CA VAL A 87 -2.81 -16.34 20.13
C VAL A 87 -1.89 -17.54 20.38
N LYS A 88 -2.47 -18.75 20.42
CA LYS A 88 -1.69 -19.96 20.65
C LYS A 88 -0.62 -20.17 19.58
N LEU A 89 -1.00 -20.08 18.30
CA LEU A 89 -0.03 -20.36 17.23
C LEU A 89 1.12 -19.37 17.28
N LEU A 90 0.81 -18.10 17.52
CA LEU A 90 1.82 -17.06 17.56
C LEU A 90 2.74 -17.23 18.76
N ALA A 91 2.16 -17.57 19.91
CA ALA A 91 2.97 -17.75 21.11
C ALA A 91 3.92 -18.94 21.00
N LYS A 92 3.68 -19.88 20.10
CA LYS A 92 4.56 -21.02 19.96
C LYS A 92 5.59 -20.84 18.84
N GLY A 93 5.55 -19.72 18.12
CA GLY A 93 6.49 -19.46 17.04
C GLY A 93 6.24 -20.24 15.78
N GLU A 94 5.02 -20.76 15.60
CA GLU A 94 4.71 -21.67 14.51
C GLU A 94 4.19 -20.90 13.30
N TYR A 95 5.11 -20.20 12.64
CA TYR A 95 4.71 -19.45 11.45
C TYR A 95 5.90 -19.23 10.53
N GLN A 96 5.60 -19.03 9.26
CA GLN A 96 6.52 -18.62 8.23
C GLN A 96 6.24 -17.16 7.88
N LYS A 97 7.23 -16.49 7.32
CA LYS A 97 7.08 -15.11 6.88
C LYS A 97 6.97 -15.08 5.36
N VAL A 98 6.04 -14.27 4.87
CA VAL A 98 5.89 -14.00 3.45
C VAL A 98 6.06 -12.50 3.27
N SER A 99 6.73 -12.08 2.19
CA SER A 99 6.99 -10.66 1.94
C SER A 99 6.27 -10.17 0.69
N TYR A 100 5.67 -8.97 0.77
CA TYR A 100 5.15 -8.33 -0.43
C TYR A 100 5.97 -7.08 -0.79
N PRO A 101 6.05 -6.75 -2.07
CA PRO A 101 6.75 -5.54 -2.49
C PRO A 101 6.03 -4.25 -2.08
N LEU A 102 6.80 -3.16 -2.05
CA LEU A 102 6.29 -1.86 -1.67
C LEU A 102 6.68 -0.84 -2.75
N LEU A 103 5.99 0.28 -2.74
CA LEU A 103 6.23 1.36 -3.72
C LEU A 103 6.90 2.54 -3.03
N LYS A 104 7.99 3.03 -3.62
CA LYS A 104 8.63 4.24 -3.12
C LYS A 104 8.20 5.42 -3.98
N THR A 105 7.73 6.49 -3.34
CA THR A 105 7.39 7.75 -4.00
C THR A 105 8.32 8.83 -3.48
N THR A 106 8.94 9.57 -4.40
CA THR A 106 9.80 10.70 -4.06
C THR A 106 9.19 11.94 -4.67
N VAL A 107 9.01 12.97 -3.86
CA VAL A 107 8.50 14.25 -4.33
C VAL A 107 9.63 15.25 -4.18
N LYS A 108 10.05 15.85 -5.31
CA LYS A 108 11.09 16.87 -5.35
C LYS A 108 10.43 18.23 -5.50
N TYR A 109 10.98 19.26 -4.83
CA TYR A 109 10.43 20.61 -4.78
C TYR A 109 11.29 21.62 -5.51
N GLY A 110 10.85 22.88 -5.47
CA GLY A 110 11.56 23.97 -6.07
C GLY A 110 12.77 24.41 -5.27
N ILE A 111 12.77 25.67 -4.83
CA ILE A 111 13.93 26.36 -4.28
C ILE A 111 14.71 25.44 -3.35
N GLY A 112 15.72 24.76 -3.90
CA GLY A 112 16.57 23.86 -3.13
C GLY A 112 16.47 22.41 -3.53
N LYS A 113 15.49 22.02 -4.35
CA LYS A 113 15.37 20.66 -4.85
C LYS A 113 15.26 19.63 -3.72
N LYS A 114 14.81 20.08 -2.53
CA LYS A 114 14.61 19.20 -1.40
C LYS A 114 13.64 18.08 -1.76
N GLU A 115 13.65 17.00 -0.97
CA GLU A 115 12.87 15.81 -1.30
C GLU A 115 12.10 15.29 -0.08
N ALA A 116 10.90 14.79 -0.34
CA ALA A 116 10.15 13.97 0.60
C ALA A 116 9.98 12.59 0.00
N THR A 117 10.17 11.54 0.79
CA THR A 117 9.91 10.18 0.32
C THR A 117 8.82 9.53 1.16
N TYR A 118 8.08 8.66 0.50
CA TYR A 118 6.95 7.95 1.09
C TYR A 118 6.99 6.48 0.64
N LEU A 119 6.54 5.58 1.51
CA LEU A 119 6.35 4.17 1.17
C LEU A 119 4.87 3.87 1.10
N ALA A 120 4.44 3.12 0.09
CA ALA A 120 3.05 2.74 -0.05
C ALA A 120 2.88 1.22 -0.10
N LEU A 121 1.86 0.75 0.61
CA LEU A 121 1.49 -0.66 0.55
C LEU A 121 0.42 -0.93 -0.49
N ASN A 122 -0.49 0.04 -0.71
CA ASN A 122 -1.50 -0.11 -1.74
C ASN A 122 -1.07 0.70 -2.95
N GLU A 123 -1.04 2.02 -2.82
CA GLU A 123 -0.74 2.80 -4.04
C GLU A 123 -0.41 4.22 -3.66
N SER A 124 0.10 4.96 -4.66
CA SER A 124 0.28 6.40 -4.56
C SER A 124 -0.42 6.99 -5.75
N THR A 125 -1.25 8.03 -5.53
CA THR A 125 -1.95 8.66 -6.65
C THR A 125 -1.60 10.12 -6.72
N VAL A 126 -1.75 10.69 -7.92
CA VAL A 126 -1.51 12.11 -8.13
CA VAL A 126 -1.51 12.12 -8.13
C VAL A 126 -2.70 12.72 -8.87
N LYS A 127 -3.17 13.87 -8.40
CA LYS A 127 -4.19 14.69 -9.04
C LYS A 127 -3.76 16.15 -8.95
N SER A 128 -4.44 17.02 -9.67
CA SER A 128 -4.14 18.45 -9.57
C SER A 128 -4.70 19.03 -8.28
N SER A 129 -4.20 20.20 -7.90
CA SER A 129 -4.72 20.89 -6.72
C SER A 129 -5.89 21.79 -7.08
N GLY A 130 -6.83 21.28 -7.86
CA GLY A 130 -7.80 22.17 -8.47
C GLY A 130 -7.29 22.64 -9.81
N GLY A 131 -8.14 22.69 -10.82
CA GLY A 131 -7.72 23.05 -12.15
C GLY A 131 -7.09 21.86 -12.86
N PRO A 132 -6.63 22.08 -14.10
CA PRO A 132 -6.31 20.94 -14.98
C PRO A 132 -5.03 20.20 -14.58
N PHE A 133 -5.10 18.89 -14.67
CA PHE A 133 -3.95 18.01 -14.42
C PHE A 133 -3.26 17.70 -15.74
N VAL A 134 -1.99 18.11 -15.86
CA VAL A 134 -1.19 17.80 -17.03
C VAL A 134 0.23 17.49 -16.56
N VAL A 135 0.73 16.29 -16.85
CA VAL A 135 2.10 15.96 -16.52
C VAL A 135 2.74 15.25 -17.70
N ASP A 136 4.06 15.44 -17.84
CA ASP A 136 4.85 14.58 -18.71
C ASP A 136 5.26 13.33 -17.94
N VAL A 137 5.07 12.18 -18.58
CA VAL A 137 5.44 10.91 -17.98
C VAL A 137 6.76 10.49 -18.59
N VAL A 138 7.79 10.36 -17.77
CA VAL A 138 9.14 10.05 -18.21
C VAL A 138 9.56 8.71 -17.58
N ILE A 139 9.94 7.78 -18.42
CA ILE A 139 10.23 6.42 -17.95
C ILE A 139 11.71 6.20 -18.20
N ASN A 140 12.49 6.05 -17.14
CA ASN A 140 13.94 5.85 -17.29
C ASN A 140 14.51 6.92 -18.21
N ASP A 141 14.08 8.17 -17.98
CA ASP A 141 14.57 9.34 -18.73
C ASP A 141 14.04 9.42 -20.17
N ILE A 142 13.19 8.51 -20.61
CA ILE A 142 12.53 8.52 -21.92
C ILE A 142 11.20 9.25 -21.79
N HIS A 143 11.01 10.36 -22.52
CA HIS A 143 9.70 11.02 -22.53
CA HIS A 143 9.70 11.02 -22.53
C HIS A 143 8.67 10.12 -23.18
N PHE A 144 7.72 9.62 -22.39
CA PHE A 144 6.80 8.61 -22.90
C PHE A 144 5.45 9.16 -23.35
N GLU A 145 4.85 10.06 -22.57
CA GLU A 145 3.59 10.64 -23.00
C GLU A 145 3.37 11.90 -22.19
N ARG A 146 2.48 12.76 -22.69
CA ARG A 146 1.97 13.88 -21.90
C ARG A 146 0.57 13.51 -21.47
N PHE A 147 0.38 13.35 -20.17
CA PHE A 147 -0.90 12.90 -19.67
C PHE A 147 -1.79 14.08 -19.32
N ARG A 148 -3.00 14.09 -19.87
CA ARG A 148 -4.02 15.06 -19.49
C ARG A 148 -5.24 14.28 -19.04
N GLY A 149 -5.78 14.64 -17.89
CA GLY A 149 -6.92 13.87 -17.37
C GLY A 149 -7.11 14.17 -15.90
N ASP A 150 -7.74 13.22 -15.19
CA ASP A 150 -8.02 13.48 -13.78
C ASP A 150 -6.83 13.18 -12.88
N GLY A 151 -6.00 12.21 -13.24
CA GLY A 151 -4.94 11.81 -12.34
C GLY A 151 -4.34 10.48 -12.75
N LEU A 152 -3.34 10.07 -11.98
CA LEU A 152 -2.64 8.81 -12.21
C LEU A 152 -2.54 8.03 -10.91
N CYS A 153 -2.49 6.72 -11.03
CA CYS A 153 -2.38 5.82 -9.87
C CYS A 153 -1.23 4.85 -10.09
N MET A 154 -0.31 4.77 -9.14
CA MET A 154 0.76 3.78 -9.18
C MET A 154 0.57 2.80 -8.04
N SER A 155 0.39 1.53 -8.39
CA SER A 155 0.01 0.48 -7.43
C SER A 155 1.15 -0.51 -7.20
N THR A 156 1.22 -1.03 -5.96
CA THR A 156 1.98 -2.23 -5.66
C THR A 156 1.22 -3.47 -6.13
N PRO A 157 1.88 -4.63 -6.16
CA PRO A 157 1.12 -5.89 -6.46
C PRO A 157 -0.08 -6.09 -5.54
N SER A 158 0.11 -6.01 -4.22
CA SER A 158 -1.05 -6.24 -3.36
C SER A 158 -2.06 -5.10 -3.47
N GLY A 159 -1.62 -3.91 -3.89
CA GLY A 159 -2.57 -2.85 -4.15
C GLY A 159 -3.36 -3.02 -5.42
N THR A 160 -2.99 -4.01 -6.27
CA THR A 160 -3.64 -4.08 -7.56
C THR A 160 -5.11 -4.45 -7.42
N THR A 161 -5.50 -5.06 -6.28
CA THR A 161 -6.90 -5.35 -6.07
C THR A 161 -7.67 -4.19 -5.45
N ALA A 162 -7.03 -3.05 -5.25
CA ALA A 162 -7.63 -1.88 -4.60
C ALA A 162 -7.98 -0.84 -5.66
N TYR A 163 -7.59 0.44 -5.50
CA TYR A 163 -7.93 1.51 -6.45
C TYR A 163 -7.57 1.10 -7.89
N ASN A 164 -6.41 0.48 -8.05
CA ASN A 164 -5.95 0.01 -9.36
C ASN A 164 -7.01 -0.81 -10.07
N LYS A 165 -7.70 -1.69 -9.33
CA LYS A 165 -8.68 -2.54 -9.98
C LYS A 165 -9.85 -1.72 -10.50
N SER A 166 -10.29 -0.73 -9.71
CA SER A 166 -11.40 0.13 -10.11
C SER A 166 -11.07 0.96 -11.33
N LEU A 167 -9.79 1.19 -11.56
CA LEU A 167 -9.31 1.97 -12.71
C LEU A 167 -9.02 1.11 -13.91
N GLY A 168 -9.30 -0.18 -13.85
CA GLY A 168 -9.09 -1.07 -14.98
C GLY A 168 -7.75 -1.77 -15.00
N GLY A 169 -6.98 -1.67 -13.90
CA GLY A 169 -5.69 -2.31 -13.88
C GLY A 169 -5.77 -3.83 -13.80
N ALA A 170 -4.63 -4.46 -14.09
CA ALA A 170 -4.47 -5.90 -13.96
C ALA A 170 -4.26 -6.26 -12.49
N LEU A 171 -4.72 -7.44 -12.08
CA LEU A 171 -4.39 -7.94 -10.75
C LEU A 171 -3.11 -8.76 -10.85
N MET A 172 -2.12 -8.42 -10.04
CA MET A 172 -0.79 -8.99 -10.15
CA MET A 172 -0.78 -8.98 -10.15
C MET A 172 -0.43 -9.75 -8.88
N HIS A 173 0.05 -10.98 -9.07
CA HIS A 173 0.48 -11.79 -7.94
C HIS A 173 1.65 -11.11 -7.21
N PRO A 174 1.63 -11.06 -5.88
CA PRO A 174 2.62 -10.26 -5.17
C PRO A 174 4.02 -10.86 -5.11
N SER A 175 4.23 -12.03 -5.69
CA SER A 175 5.61 -12.51 -5.85
C SER A 175 6.33 -11.75 -6.97
N ILE A 176 5.60 -11.01 -7.78
CA ILE A 176 6.19 -10.20 -8.85
C ILE A 176 6.62 -8.86 -8.29
N GLU A 177 7.90 -8.55 -8.38
CA GLU A 177 8.40 -7.26 -7.88
C GLU A 177 8.19 -6.22 -8.97
N ALA A 178 7.10 -5.48 -8.87
CA ALA A 178 6.69 -4.58 -9.94
C ALA A 178 5.78 -3.51 -9.34
N MET A 179 5.52 -2.48 -10.15
CA MET A 179 4.51 -1.47 -9.85
C MET A 179 3.68 -1.27 -11.11
N GLN A 180 2.44 -0.82 -10.94
CA GLN A 180 1.52 -0.70 -12.07
C GLN A 180 0.90 0.68 -12.10
N LEU A 181 1.04 1.37 -13.27
CA LEU A 181 0.53 2.71 -13.45
C LEU A 181 -0.78 2.66 -14.22
N THR A 182 -1.84 3.20 -13.63
CA THR A 182 -3.13 3.31 -14.30
C THR A 182 -3.56 4.76 -14.44
N GLU A 183 -4.36 5.01 -15.47
CA GLU A 183 -4.90 6.33 -15.76
C GLU A 183 -6.25 6.55 -15.09
N MET A 184 -6.50 7.79 -14.70
CA MET A 184 -7.84 8.26 -14.34
C MET A 184 -8.38 9.23 -15.39
N ALA A 185 -9.36 8.79 -16.15
CA ALA A 185 -10.09 9.58 -17.13
C ALA A 185 -9.14 10.40 -18.00
N SER A 186 -8.35 9.75 -18.81
CA SER A 186 -7.49 10.50 -19.73
C SER A 186 -8.30 11.08 -20.87
N ILE A 187 -7.84 12.22 -21.37
CA ILE A 187 -8.47 12.78 -22.56
CA ILE A 187 -8.42 12.85 -22.56
C ILE A 187 -7.73 12.27 -23.78
N ASN A 188 -8.48 11.81 -24.75
CA ASN A 188 -7.89 11.30 -25.96
C ASN A 188 -8.67 11.83 -27.15
N ASN A 189 -7.99 12.60 -27.99
CA ASN A 189 -8.62 13.06 -29.21
C ASN A 189 -7.53 13.19 -30.26
N ARG A 190 -7.83 13.91 -31.33
CA ARG A 190 -6.84 14.03 -32.39
C ARG A 190 -5.57 14.75 -31.92
N VAL A 191 -5.68 15.62 -30.91
CA VAL A 191 -4.56 16.43 -30.44
C VAL A 191 -3.90 15.86 -29.18
N TYR A 192 -4.66 15.20 -28.32
CA TYR A 192 -4.16 14.70 -27.04
C TYR A 192 -4.19 13.18 -27.07
N ARG A 193 -3.08 12.54 -26.73
CA ARG A 193 -2.93 11.09 -26.83
C ARG A 193 -2.20 10.53 -25.63
N THR A 194 -2.79 9.51 -24.98
CA THR A 194 -2.10 8.73 -23.97
C THR A 194 -2.16 7.27 -24.35
N ILE A 195 -1.40 6.45 -23.61
CA ILE A 195 -1.34 5.02 -23.95
C ILE A 195 -2.66 4.34 -23.64
N GLY A 196 -3.37 4.81 -22.60
CA GLY A 196 -4.68 4.25 -22.18
C GLY A 196 -4.50 3.04 -21.29
N SER A 197 -3.73 2.08 -21.77
CA SER A 197 -3.53 0.81 -21.09
C SER A 197 -2.78 1.01 -19.79
N PRO A 198 -3.08 0.20 -18.78
CA PRO A 198 -2.19 0.14 -17.61
C PRO A 198 -0.80 -0.30 -18.03
N LEU A 199 0.21 0.21 -17.31
CA LEU A 199 1.61 -0.14 -17.52
C LEU A 199 2.20 -0.82 -16.30
N VAL A 200 2.92 -1.93 -16.51
CA VAL A 200 3.57 -2.68 -15.43
C VAL A 200 5.08 -2.58 -15.58
N PHE A 201 5.72 -2.04 -14.53
CA PHE A 201 7.15 -1.76 -14.46
C PHE A 201 7.87 -2.69 -13.53
N PRO A 202 9.02 -3.22 -13.93
CA PRO A 202 9.86 -4.01 -13.02
C PRO A 202 10.61 -3.15 -12.03
N LYS A 203 11.16 -3.83 -11.04
CA LYS A 203 12.15 -3.25 -10.15
CA LYS A 203 12.12 -3.20 -10.16
C LYS A 203 13.21 -2.51 -10.97
N HIS A 204 13.72 -1.42 -10.44
CA HIS A 204 14.80 -0.60 -10.99
C HIS A 204 14.36 0.33 -12.13
N HIS A 205 13.19 0.16 -12.71
CA HIS A 205 12.65 1.21 -13.58
C HIS A 205 12.14 2.37 -12.72
N VAL A 206 12.35 3.58 -13.22
CA VAL A 206 11.93 4.79 -12.56
C VAL A 206 10.94 5.51 -13.45
N VAL A 207 9.79 5.86 -12.89
CA VAL A 207 8.77 6.61 -13.59
C VAL A 207 8.69 7.96 -12.92
N SER A 208 8.97 9.01 -13.69
CA SER A 208 8.96 10.36 -13.20
C SER A 208 7.78 11.11 -13.83
N LEU A 209 7.01 11.83 -13.01
CA LEU A 209 5.99 12.76 -13.49
C LEU A 209 6.52 14.18 -13.36
N GLN A 210 6.48 14.93 -14.47
CA GLN A 210 7.07 16.26 -14.52
C GLN A 210 6.00 17.29 -14.86
N PRO A 211 5.82 18.32 -14.05
CA PRO A 211 4.75 19.28 -14.33
C PRO A 211 4.98 20.00 -15.64
N VAL A 212 3.88 20.41 -16.26
CA VAL A 212 3.91 21.12 -17.53
C VAL A 212 3.53 22.59 -17.34
N ASN A 213 2.48 22.86 -16.57
CA ASN A 213 2.11 24.22 -16.21
C ASN A 213 2.04 24.36 -14.68
N ASP A 214 0.89 24.04 -14.12
CA ASP A 214 0.69 24.09 -12.67
C ASP A 214 1.66 23.16 -11.96
N LYS A 215 2.21 23.63 -10.85
CA LYS A 215 3.19 22.85 -10.11
C LYS A 215 2.64 22.31 -8.79
N ASP A 216 1.34 22.47 -8.52
CA ASP A 216 0.73 22.04 -7.25
C ASP A 216 -0.11 20.79 -7.49
N PHE A 217 0.04 19.80 -6.60
CA PHE A 217 -0.59 18.52 -6.81
C PHE A 217 -1.11 17.99 -5.50
N GLN A 218 -2.19 17.22 -5.58
CA GLN A 218 -2.66 16.46 -4.44
C GLN A 218 -2.09 15.06 -4.60
N ILE A 219 -1.24 14.63 -3.67
CA ILE A 219 -0.58 13.33 -3.75
C ILE A 219 -1.09 12.46 -2.60
N SER A 220 -1.60 11.29 -2.93
CA SER A 220 -2.01 10.34 -1.90
C SER A 220 -0.96 9.23 -1.81
N VAL A 221 -0.82 8.69 -0.61
CA VAL A 221 -0.02 7.51 -0.35
C VAL A 221 -0.90 6.67 0.55
N ASP A 222 -1.46 5.57 0.03
CA ASP A 222 -2.46 4.80 0.80
C ASP A 222 -3.55 5.78 1.28
N HIS A 223 -3.96 5.75 2.54
CA HIS A 223 -5.10 6.65 2.83
C HIS A 223 -4.75 8.14 2.90
N LEU A 224 -3.47 8.52 2.90
CA LEU A 224 -3.04 9.85 3.33
C LEU A 224 -2.93 10.75 2.10
N SER A 225 -3.65 11.88 2.10
CA SER A 225 -3.65 12.79 0.95
C SER A 225 -3.07 14.12 1.38
N ILE A 226 -2.13 14.64 0.59
CA ILE A 226 -1.36 15.80 0.99
C ILE A 226 -1.24 16.72 -0.20
N LEU A 227 -1.43 18.03 0.03
CA LEU A 227 -1.22 19.02 -1.01
C LEU A 227 0.25 19.37 -1.05
N HIS A 228 0.88 19.20 -2.21
CA HIS A 228 2.27 19.55 -2.41
C HIS A 228 2.34 20.73 -3.36
N ARG A 229 2.99 21.79 -2.92
CA ARG A 229 3.15 22.98 -3.73
C ARG A 229 4.57 23.04 -4.27
N ASP A 230 4.70 23.66 -5.45
CA ASP A 230 6.00 23.92 -6.06
C ASP A 230 6.76 22.61 -6.31
N VAL A 231 6.08 21.67 -6.97
CA VAL A 231 6.63 20.35 -7.25
C VAL A 231 7.43 20.42 -8.54
N GLN A 232 8.63 19.86 -8.52
CA GLN A 232 9.45 19.74 -9.71
C GLN A 232 9.35 18.37 -10.35
N GLU A 233 9.07 17.34 -9.55
CA GLU A 233 9.08 15.97 -10.01
C GLU A 233 8.43 15.09 -8.96
N ILE A 234 7.69 14.09 -9.43
CA ILE A 234 7.24 12.98 -8.60
C ILE A 234 7.83 11.71 -9.21
N ARG A 235 8.57 10.95 -8.40
CA ARG A 235 9.33 9.79 -8.88
CA ARG A 235 9.34 9.80 -8.88
C ARG A 235 8.83 8.52 -8.22
N TYR A 236 8.52 7.52 -9.03
CA TYR A 236 8.01 6.23 -8.56
C TYR A 236 9.00 5.12 -8.87
N GLU A 237 9.25 4.22 -7.91
CA GLU A 237 10.03 3.03 -8.16
C GLU A 237 9.65 1.98 -7.13
N VAL A 238 9.88 0.73 -7.49
CA VAL A 238 9.68 -0.37 -6.53
C VAL A 238 10.70 -0.21 -5.41
N SER A 239 10.20 -0.20 -4.18
CA SER A 239 11.06 -0.03 -3.02
C SER A 239 11.99 -1.24 -2.84
N ALA A 240 13.14 -0.98 -2.21
CA ALA A 240 13.98 -2.07 -1.71
C ALA A 240 13.39 -2.67 -0.46
N LYS A 241 12.51 -1.94 0.20
CA LYS A 241 11.89 -2.44 1.43
C LYS A 241 10.68 -3.31 1.10
N LYS A 242 10.37 -4.26 1.99
CA LYS A 242 9.24 -5.17 1.83
C LYS A 242 8.45 -5.21 3.12
N ILE A 243 7.16 -5.50 3.01
CA ILE A 243 6.37 -5.78 4.21
C ILE A 243 6.35 -7.28 4.43
N HIS A 244 6.46 -7.70 5.69
CA HIS A 244 6.49 -9.12 6.02
C HIS A 244 5.22 -9.48 6.78
N PHE A 245 4.61 -10.59 6.38
CA PHE A 245 3.43 -11.13 7.03
C PHE A 245 3.79 -12.41 7.77
N ALA A 246 3.17 -12.62 8.93
CA ALA A 246 3.28 -13.90 9.61
C ALA A 246 2.16 -14.78 9.06
N ARG A 247 2.53 -15.94 8.50
CA ARG A 247 1.56 -16.85 7.90
C ARG A 247 1.57 -18.17 8.67
N PHE A 248 0.39 -18.66 9.02
CA PHE A 248 0.27 -19.85 9.85
C PHE A 248 -0.35 -21.03 9.12
N ARG A 249 -0.90 -20.77 7.94
CA ARG A 249 -1.58 -21.77 7.13
C ARG A 249 -1.62 -21.20 5.73
N SER A 250 -1.88 -22.08 4.77
CA SER A 250 -1.93 -21.62 3.40
C SER A 250 -3.20 -20.81 3.17
N PHE A 251 -3.05 -19.67 2.52
CA PHE A 251 -4.19 -18.88 2.06
C PHE A 251 -3.71 -18.18 0.82
N PRO A 252 -3.67 -18.89 -0.31
CA PRO A 252 -3.05 -18.36 -1.52
C PRO A 252 -3.68 -17.06 -1.95
N PHE A 253 -2.85 -16.20 -2.55
CA PHE A 253 -3.32 -14.93 -3.09
C PHE A 253 -4.54 -15.13 -3.99
N TRP A 254 -4.48 -16.09 -4.93
CA TRP A 254 -5.59 -16.19 -5.86
C TRP A 254 -6.85 -16.67 -5.14
N ARG A 255 -6.72 -17.47 -4.07
CA ARG A 255 -7.90 -17.80 -3.28
C ARG A 255 -8.43 -16.57 -2.54
N ARG A 256 -7.53 -15.73 -2.03
CA ARG A 256 -7.90 -14.47 -1.42
C ARG A 256 -8.67 -13.58 -2.40
N VAL A 257 -8.17 -13.49 -3.63
CA VAL A 257 -8.89 -12.75 -4.67
C VAL A 257 -10.26 -13.36 -4.93
N HIS A 258 -10.31 -14.69 -5.07
CA HIS A 258 -11.59 -15.36 -5.30
C HIS A 258 -12.57 -15.02 -4.17
N ASP A 259 -12.11 -15.13 -2.93
CA ASP A 259 -12.98 -14.91 -1.78
C ASP A 259 -13.46 -13.46 -1.69
N SER A 260 -12.66 -12.50 -2.15
CA SER A 260 -13.01 -11.09 -2.03
C SER A 260 -13.88 -10.60 -3.17
N PHE A 261 -13.75 -11.21 -4.38
CA PHE A 261 -14.45 -10.72 -5.55
C PHE A 261 -15.40 -11.69 -6.22
N ILE A 262 -15.24 -13.00 -6.05
CA ILE A 262 -16.08 -13.94 -6.76
C ILE A 262 -17.20 -14.46 -5.85
N GLU A 263 -16.85 -15.00 -4.68
CA GLU A 263 -17.84 -15.34 -3.65
C GLU A 263 -17.11 -16.01 -2.50
N ASP A 264 -17.74 -16.01 -1.33
CA ASP A 264 -17.10 -16.57 -0.15
C ASP A 264 -18.12 -17.36 0.68
C1 CIT B . 0.68 -17.63 -2.38
O1 CIT B . 0.01 -16.89 -3.13
O2 CIT B . 0.74 -18.85 -2.67
C2 CIT B . 1.42 -17.09 -1.16
C3 CIT B . 0.49 -16.54 -0.06
O7 CIT B . -0.73 -17.33 -0.04
C4 CIT B . 1.05 -16.69 1.36
C5 CIT B . 0.53 -17.94 2.06
O3 CIT B . 0.04 -18.92 1.43
O4 CIT B . 0.56 -18.07 3.30
C6 CIT B . 0.16 -15.08 -0.40
O5 CIT B . 1.01 -14.37 -1.00
O6 CIT B . -0.98 -14.58 -0.15
N1 KGX C . -12.20 3.58 -0.66
C7 KGX C . -12.67 -1.92 1.53
C8 KGX C . -8.30 -1.88 0.62
N2 KGX C . -11.74 1.66 0.48
C9 KGX C . -8.49 -0.74 1.46
O1 KGX C . -11.21 -1.17 -0.18
C1 KGX C . -12.99 4.75 -0.98
O5 KGX C . -5.47 2.73 -0.46
C5 KGX C . -10.79 -2.43 0.30
C6 KGX C . -11.28 -2.48 1.75
N3 KGX C . -9.36 -2.60 0.09
C4 KGX C . -12.39 -0.76 0.58
O4 KGX C . -9.02 2.86 -0.56
C3 KGX C . -12.07 0.52 1.32
O3 KGX C . -11.30 -3.80 2.28
C2 KGX C . -12.67 2.56 0.12
N4 KGX C . -9.00 2.62 2.29
N KGX C . -12.85 7.21 -0.86
C KGX C . -12.51 5.95 -0.19
O KGX C . -13.85 2.45 0.43
C10 KGX C . -8.46 0.22 2.15
C11 KGX C . -8.61 1.41 3.01
C12 KGX C . -7.90 3.27 1.54
C13 KGX C . -7.79 2.64 0.16
C14 KGX C . -8.70 2.63 -1.93
C15 KGX C . -7.20 2.89 -2.13
C16 KGX C . -6.74 3.28 -0.72
C17 KGX C . -9.68 4.80 -2.83
C18 KGX C . -10.94 4.05 -4.37
C19 KGX C . -10.39 2.94 -3.74
C20 KGX C . -11.43 1.55 -5.09
C21 KGX C . -11.81 3.80 -5.46
C22 KGX C . -9.75 3.56 3.14
C23 KGX C . -9.08 4.01 4.43
C24 KGX C . -7.44 -3.39 -0.60
C25 KGX C . -8.81 -3.57 -0.69
C26 KGX C . -8.59 -5.27 -2.08
C27 KGX C . -6.63 -4.27 -1.36
N10 KGX C . -7.13 -2.34 0.24
N11 KGX C . -9.45 -4.50 -1.41
N12 KGX C . -7.26 -5.22 -2.08
N13 KGX C . -5.30 -4.17 -1.44
N5 KGX C . -9.57 3.43 -2.77
N6 KGX C . -10.49 5.22 -3.78
N7 KGX C . -10.60 1.65 -4.06
N8 KGX C . -12.02 2.51 -5.80
N9 KGX C . -12.46 4.76 -6.13
O2 KGX C . -13.58 -2.89 1.00
O6 KGX C . -6.61 1.66 -2.57
O7 KGX C . -9.70 4.61 5.28
O8 KGX C . -7.81 3.70 4.55
#